data_7HSJ
#
_entry.id   7HSJ
#
_cell.length_a   99.549
_cell.length_b   99.565
_cell.length_c   128.300
_cell.angle_alpha   90.00
_cell.angle_beta   90.00
_cell.angle_gamma   90.00
#
_symmetry.space_group_name_H-M   'I 2 2 2'
#
loop_
_entity.id
_entity.type
_entity.pdbx_description
1 polymer 'Oleoyl-acyl carrier protein thioesterase 1, chloroplastic'
2 non-polymer 2-fluoro-N,3-dimethylbenzene-1-sulfonamide
3 water water
#
_entity_poly.entity_id   1
_entity_poly.type   'polypeptide(L)'
_entity_poly.pdbx_seq_one_letter_code
;MGSLTEDGLSYKEKFVVRSYEVGSNKTATVETIANLLQEVGCNHAQSVGFSTDGFATTTTMRKLHLIWVTARMHIEIYKY
PAWGDVVEIETWCQSEGRIGTRRDWILKDSVTGEVTGRATSKWVMMNQDTRRLQKVSDDVRDEYLVFCPQEPRLAFPEEN
NRSLKKIPKLEDPAQYSMIGLKPRRADLDMNQHVNNVTYIGWVLESIPQEIVDTHELQVITLDYRRECQQDDVVDSLTTT
TSEIGGTNGSATSGTQGHNDSQFLHLLRLSGDGQEINRGTTLWRKKPSSHHHHHH
;
_entity_poly.pdbx_strand_id   A,B
#
loop_
_chem_comp.id
_chem_comp.type
_chem_comp.name
_chem_comp.formula
PK4 non-polymer 2-fluoro-N,3-dimethylbenzene-1-sulfonamide 'C8 H10 F N O2 S'
#
# COMPACT_ATOMS: atom_id res chain seq x y z
N GLY A 2 2.73 -19.57 -4.01
CA GLY A 2 1.67 -20.28 -3.31
C GLY A 2 1.22 -21.44 -4.17
N SER A 3 0.44 -22.36 -3.63
CA SER A 3 -0.03 -23.48 -4.46
C SER A 3 -1.35 -24.00 -3.95
N LEU A 4 -2.14 -24.61 -4.83
CA LEU A 4 -3.24 -25.50 -4.41
C LEU A 4 -2.67 -26.62 -3.52
N THR A 5 -3.46 -27.05 -2.54
CA THR A 5 -3.14 -28.20 -1.66
C THR A 5 -3.27 -29.48 -2.51
N GLU A 6 -2.95 -30.62 -1.91
CA GLU A 6 -2.98 -31.95 -2.55
C GLU A 6 -4.35 -32.17 -3.20
N ASP A 7 -5.45 -32.00 -2.46
CA ASP A 7 -6.83 -32.26 -2.92
C ASP A 7 -7.36 -31.15 -3.86
N GLY A 8 -6.60 -30.10 -4.18
CA GLY A 8 -7.01 -28.92 -4.98
C GLY A 8 -8.31 -28.24 -4.56
N LEU A 9 -8.71 -28.35 -3.29
CA LEU A 9 -9.92 -27.70 -2.73
C LEU A 9 -9.55 -26.47 -1.88
N SER A 10 -8.26 -26.13 -1.74
CA SER A 10 -7.81 -24.91 -1.01
C SER A 10 -6.44 -24.45 -1.53
N TYR A 11 -5.99 -23.24 -1.15
CA TYR A 11 -4.77 -22.60 -1.68
C TYR A 11 -3.95 -22.02 -0.54
N LYS A 12 -2.63 -22.25 -0.55
CA LYS A 12 -1.68 -21.78 0.49
C LYS A 12 -0.66 -20.85 -0.13
N GLU A 13 -0.26 -19.80 0.59
CA GLU A 13 0.79 -18.86 0.14
C GLU A 13 1.52 -18.30 1.36
N LYS A 14 2.80 -18.02 1.18
CA LYS A 14 3.66 -17.42 2.21
C LYS A 14 3.99 -16.00 1.77
N PHE A 15 4.02 -15.08 2.73
CA PHE A 15 4.39 -13.67 2.54
C PHE A 15 5.38 -13.29 3.63
N VAL A 16 6.43 -12.57 3.26
CA VAL A 16 7.41 -11.98 4.22
C VAL A 16 6.89 -10.56 4.51
N VAL A 17 6.68 -10.20 5.76
CA VAL A 17 6.13 -8.86 6.10
C VAL A 17 7.18 -7.77 5.74
N ARG A 18 6.76 -6.74 5.00
CA ARG A 18 7.66 -5.63 4.51
C ARG A 18 7.78 -4.46 5.48
N SER A 19 8.89 -3.72 5.40
CA SER A 19 9.17 -2.50 6.18
C SER A 19 7.97 -1.56 6.19
N TYR A 20 7.40 -1.23 5.03
CA TYR A 20 6.30 -0.22 4.89
C TYR A 20 4.89 -0.77 5.22
N GLU A 21 4.77 -2.07 5.48
CA GLU A 21 3.49 -2.77 5.80
C GLU A 21 3.21 -2.79 7.29
N VAL A 22 4.14 -2.30 8.14
CA VAL A 22 4.00 -2.38 9.64
C VAL A 22 3.64 -1.01 10.23
N GLY A 23 2.98 -1.01 11.38
CA GLY A 23 2.64 0.16 12.21
C GLY A 23 3.65 0.46 13.33
N SER A 24 3.19 1.23 14.34
N SER A 24 3.18 1.23 14.34
N SER A 24 3.19 1.23 14.34
CA SER A 24 3.99 1.70 15.49
CA SER A 24 3.99 1.71 15.50
CA SER A 24 3.99 1.70 15.49
C SER A 24 4.49 0.52 16.34
C SER A 24 4.47 0.54 16.37
C SER A 24 4.49 0.52 16.34
N ASN A 25 3.75 -0.59 16.34
CA ASN A 25 4.14 -1.82 17.08
C ASN A 25 5.26 -2.60 16.37
N LYS A 26 5.68 -2.18 15.16
CA LYS A 26 6.62 -2.93 14.29
C LYS A 26 5.99 -4.27 13.87
N THR A 27 4.66 -4.36 13.89
CA THR A 27 3.90 -5.50 13.33
C THR A 27 2.92 -5.02 12.23
N ALA A 28 2.47 -5.97 11.43
CA ALA A 28 1.63 -5.74 10.23
C ALA A 28 0.33 -5.03 10.65
N THR A 29 -0.08 -3.99 9.91
CA THR A 29 -1.42 -3.38 10.10
C THR A 29 -2.50 -4.35 9.67
N VAL A 30 -3.74 -4.13 10.12
CA VAL A 30 -4.90 -4.96 9.69
C VAL A 30 -5.15 -4.68 8.21
N GLU A 31 -4.79 -3.50 7.69
CA GLU A 31 -4.91 -3.19 6.23
C GLU A 31 -3.94 -4.05 5.41
N THR A 32 -2.69 -4.20 5.85
CA THR A 32 -1.73 -5.12 5.19
C THR A 32 -2.33 -6.53 5.16
N ILE A 33 -2.84 -6.99 6.30
CA ILE A 33 -3.45 -8.35 6.42
C ILE A 33 -4.58 -8.46 5.41
N ALA A 34 -5.57 -7.57 5.46
CA ALA A 34 -6.68 -7.53 4.45
C ALA A 34 -6.17 -7.59 3.00
N ASN A 35 -5.11 -6.85 2.66
CA ASN A 35 -4.47 -6.86 1.32
C ASN A 35 -3.89 -8.24 1.01
N LEU A 36 -3.23 -8.89 1.95
CA LEU A 36 -2.69 -10.26 1.76
C LEU A 36 -3.85 -11.25 1.54
N LEU A 37 -4.98 -11.12 2.25
CA LEU A 37 -6.14 -12.04 2.10
C LEU A 37 -6.63 -11.96 0.65
N GLN A 38 -6.78 -10.73 0.15
CA GLN A 38 -7.23 -10.39 -1.24
C GLN A 38 -6.23 -10.98 -2.24
N GLU A 39 -4.94 -10.79 -2.00
CA GLU A 39 -3.89 -11.33 -2.90
C GLU A 39 -3.98 -12.88 -2.93
N VAL A 40 -4.06 -13.55 -1.79
CA VAL A 40 -4.05 -15.04 -1.83
C VAL A 40 -5.39 -15.49 -2.47
N GLY A 41 -6.46 -14.76 -2.24
CA GLY A 41 -7.77 -15.06 -2.89
C GLY A 41 -7.68 -14.99 -4.40
N CYS A 42 -6.95 -14.00 -4.94
N CYS A 42 -6.95 -14.01 -4.91
N CYS A 42 -6.95 -14.00 -4.94
CA CYS A 42 -6.73 -13.79 -6.39
CA CYS A 42 -6.68 -13.79 -6.35
CA CYS A 42 -6.73 -13.79 -6.39
C CYS A 42 -5.86 -14.93 -6.95
C CYS A 42 -5.89 -14.97 -6.92
C CYS A 42 -5.86 -14.93 -6.95
N ASN A 43 -4.82 -15.37 -6.23
CA ASN A 43 -3.91 -16.46 -6.70
C ASN A 43 -4.70 -17.81 -6.75
N HIS A 44 -5.64 -18.06 -5.83
CA HIS A 44 -6.53 -19.25 -5.83
C HIS A 44 -7.42 -19.24 -7.09
N ALA A 45 -8.14 -18.14 -7.34
CA ALA A 45 -8.95 -17.93 -8.57
C ALA A 45 -8.11 -18.27 -9.82
N GLN A 46 -6.94 -17.68 -9.96
CA GLN A 46 -6.02 -17.91 -11.12
C GLN A 46 -5.68 -19.40 -11.26
N SER A 47 -5.42 -20.05 -10.13
N SER A 47 -5.39 -20.04 -10.14
N SER A 47 -5.42 -20.05 -10.13
CA SER A 47 -4.93 -21.44 -10.02
CA SER A 47 -4.91 -21.45 -10.07
CA SER A 47 -4.93 -21.44 -10.02
C SER A 47 -5.99 -22.43 -10.52
C SER A 47 -5.97 -22.40 -10.65
C SER A 47 -5.99 -22.43 -10.52
N VAL A 48 -7.25 -22.01 -10.67
CA VAL A 48 -8.35 -22.88 -11.22
C VAL A 48 -9.01 -22.33 -12.51
N GLY A 49 -8.35 -21.36 -13.15
CA GLY A 49 -8.79 -20.79 -14.44
C GLY A 49 -10.04 -19.93 -14.31
N PHE A 50 -10.14 -19.12 -13.25
CA PHE A 50 -11.14 -18.03 -13.08
C PHE A 50 -10.45 -16.69 -13.33
N SER A 51 -11.21 -15.58 -13.31
CA SER A 51 -10.70 -14.21 -13.56
C SER A 51 -9.89 -13.72 -12.34
N ALA A 56 -14.10 -12.35 -9.75
CA ALA A 56 -13.67 -13.77 -9.82
C ALA A 56 -14.67 -14.55 -10.69
N THR A 57 -14.82 -14.15 -11.95
CA THR A 57 -15.97 -14.50 -12.80
C THR A 57 -15.81 -15.90 -13.38
N THR A 58 -16.94 -16.59 -13.60
CA THR A 58 -17.08 -17.83 -14.43
C THR A 58 -17.41 -17.45 -15.89
N THR A 59 -17.50 -18.43 -16.79
CA THR A 59 -17.83 -18.24 -18.23
C THR A 59 -19.21 -17.62 -18.35
N THR A 60 -20.18 -18.21 -17.67
CA THR A 60 -21.61 -17.80 -17.66
C THR A 60 -21.75 -16.36 -17.10
N MET A 61 -21.00 -16.04 -16.04
CA MET A 61 -20.98 -14.69 -15.39
C MET A 61 -20.45 -13.66 -16.39
N ARG A 62 -19.36 -13.99 -17.09
CA ARG A 62 -18.75 -13.09 -18.11
C ARG A 62 -19.78 -12.88 -19.24
N LYS A 63 -20.50 -13.94 -19.63
CA LYS A 63 -21.65 -13.88 -20.58
C LYS A 63 -22.69 -12.89 -20.04
N LEU A 64 -23.31 -13.19 -18.88
CA LEU A 64 -24.49 -12.46 -18.35
C LEU A 64 -24.06 -11.12 -17.73
N HIS A 65 -22.78 -10.74 -17.85
CA HIS A 65 -22.18 -9.50 -17.30
C HIS A 65 -22.29 -9.44 -15.75
N LEU A 66 -22.11 -10.60 -15.07
CA LEU A 66 -22.23 -10.72 -13.59
C LEU A 66 -20.85 -10.69 -12.93
N ILE A 67 -20.74 -10.11 -11.72
CA ILE A 67 -19.53 -10.12 -10.83
C ILE A 67 -19.93 -10.60 -9.42
N TRP A 68 -18.94 -11.08 -8.66
CA TRP A 68 -18.97 -11.20 -7.17
C TRP A 68 -18.57 -9.86 -6.57
N VAL A 69 -19.33 -9.38 -5.58
CA VAL A 69 -18.98 -8.20 -4.77
C VAL A 69 -19.10 -8.63 -3.31
N THR A 70 -18.28 -8.04 -2.47
CA THR A 70 -18.20 -8.31 -1.01
C THR A 70 -19.40 -7.63 -0.31
N ALA A 71 -20.20 -8.42 0.39
CA ALA A 71 -21.27 -7.92 1.28
C ALA A 71 -20.67 -7.75 2.67
N ARG A 72 -19.77 -8.63 3.07
CA ARG A 72 -19.29 -8.66 4.48
C ARG A 72 -17.89 -9.29 4.58
N MET A 73 -17.09 -8.67 5.43
CA MET A 73 -15.73 -9.08 5.77
C MET A 73 -15.65 -9.11 7.30
N HIS A 74 -15.14 -10.21 7.85
CA HIS A 74 -14.95 -10.39 9.30
C HIS A 74 -13.53 -10.93 9.51
N ILE A 75 -12.68 -10.23 10.26
CA ILE A 75 -11.28 -10.63 10.52
C ILE A 75 -11.09 -10.71 12.03
N GLU A 76 -10.50 -11.81 12.49
CA GLU A 76 -10.01 -11.91 13.89
C GLU A 76 -8.50 -12.20 13.89
N ILE A 77 -7.70 -11.34 14.51
CA ILE A 77 -6.24 -11.49 14.65
C ILE A 77 -5.89 -11.72 16.13
N TYR A 78 -5.14 -12.78 16.39
CA TYR A 78 -4.59 -13.07 17.74
C TYR A 78 -3.20 -12.45 17.82
N LYS A 79 -2.40 -12.54 16.77
CA LYS A 79 -1.04 -11.93 16.79
C LYS A 79 -0.74 -11.36 15.40
N TYR A 80 -0.26 -10.14 15.35
CA TYR A 80 0.15 -9.47 14.08
C TYR A 80 1.58 -9.89 13.81
N PRO A 81 1.91 -10.40 12.61
CA PRO A 81 3.28 -10.83 12.32
C PRO A 81 4.24 -9.64 12.28
N ALA A 82 5.44 -9.83 12.83
CA ALA A 82 6.49 -8.81 12.88
C ALA A 82 7.09 -8.65 11.50
N TRP A 83 7.61 -7.47 11.25
CA TRP A 83 8.50 -7.12 10.12
C TRP A 83 9.57 -8.21 9.94
N GLY A 84 9.65 -8.76 8.73
CA GLY A 84 10.54 -9.87 8.34
C GLY A 84 10.03 -11.26 8.73
N ASP A 85 8.96 -11.40 9.48
CA ASP A 85 8.32 -12.70 9.77
C ASP A 85 7.65 -13.27 8.50
N VAL A 86 7.54 -14.58 8.39
CA VAL A 86 6.86 -15.28 7.28
C VAL A 86 5.47 -15.65 7.81
N VAL A 87 4.41 -15.24 7.11
CA VAL A 87 3.01 -15.63 7.47
C VAL A 87 2.48 -16.55 6.38
N GLU A 88 1.78 -17.60 6.78
CA GLU A 88 1.21 -18.55 5.80
C GLU A 88 -0.31 -18.43 5.86
N ILE A 89 -0.91 -18.27 4.70
CA ILE A 89 -2.36 -18.08 4.59
C ILE A 89 -2.94 -19.19 3.73
N GLU A 90 -3.94 -19.87 4.27
CA GLU A 90 -4.75 -20.87 3.51
C GLU A 90 -6.14 -20.28 3.26
N THR A 91 -6.67 -20.47 2.06
CA THR A 91 -8.00 -19.97 1.68
C THR A 91 -8.78 -21.02 0.86
N TRP A 92 -10.06 -20.98 1.04
CA TRP A 92 -11.00 -21.84 0.28
C TRP A 92 -12.31 -21.09 0.20
N CYS A 93 -13.18 -21.53 -0.70
CA CYS A 93 -14.55 -21.02 -0.92
C CYS A 93 -15.58 -22.13 -0.67
N GLN A 94 -16.79 -21.73 -0.30
CA GLN A 94 -17.94 -22.64 -0.21
C GLN A 94 -19.16 -21.92 -0.76
N SER A 95 -19.95 -22.67 -1.53
CA SER A 95 -21.31 -22.26 -1.97
C SER A 95 -22.19 -22.09 -0.72
N GLU A 96 -22.98 -21.01 -0.66
CA GLU A 96 -24.06 -20.81 0.37
C GLU A 96 -25.40 -20.81 -0.36
N GLY A 97 -25.58 -21.78 -1.28
CA GLY A 97 -26.75 -21.85 -2.18
C GLY A 97 -26.94 -20.57 -2.96
N ARG A 98 -28.17 -20.06 -3.00
CA ARG A 98 -28.61 -18.99 -3.92
C ARG A 98 -28.20 -17.63 -3.34
N ILE A 99 -27.93 -17.60 -2.04
CA ILE A 99 -27.53 -16.38 -1.28
C ILE A 99 -26.25 -15.79 -1.89
N GLY A 100 -25.26 -16.64 -2.21
CA GLY A 100 -23.95 -16.26 -2.76
C GLY A 100 -22.86 -17.25 -2.43
N THR A 101 -21.63 -16.79 -2.18
CA THR A 101 -20.47 -17.60 -1.80
C THR A 101 -19.82 -17.00 -0.55
N ARG A 102 -19.00 -17.81 0.10
CA ARG A 102 -18.22 -17.49 1.31
C ARG A 102 -16.76 -17.75 0.97
N ARG A 103 -15.85 -16.81 1.25
CA ARG A 103 -14.44 -17.16 1.18
C ARG A 103 -13.94 -17.07 2.60
N ASP A 104 -13.14 -18.07 3.01
CA ASP A 104 -12.56 -18.17 4.37
C ASP A 104 -11.04 -18.21 4.29
N TRP A 105 -10.37 -17.75 5.35
CA TRP A 105 -8.90 -17.74 5.47
C TRP A 105 -8.45 -18.18 6.86
N ILE A 106 -7.28 -18.85 6.94
CA ILE A 106 -6.55 -19.12 8.21
C ILE A 106 -5.16 -18.57 8.03
N LEU A 107 -4.67 -17.80 8.98
CA LEU A 107 -3.29 -17.23 8.99
C LEU A 107 -2.46 -17.98 10.02
N LYS A 108 -1.23 -18.37 9.67
CA LYS A 108 -0.34 -19.06 10.65
C LYS A 108 1.06 -18.45 10.65
N ASP A 109 1.73 -18.57 11.79
CA ASP A 109 3.19 -18.40 11.94
C ASP A 109 3.82 -19.57 11.19
N SER A 110 4.52 -19.28 10.09
CA SER A 110 5.17 -20.29 9.21
C SER A 110 6.07 -21.20 10.05
N VAL A 111 6.86 -20.61 10.97
CA VAL A 111 7.81 -21.26 11.92
C VAL A 111 7.05 -22.15 12.91
N THR A 112 6.28 -21.58 13.84
CA THR A 112 5.65 -22.34 14.96
C THR A 112 4.50 -23.21 14.42
N GLY A 113 3.93 -22.90 13.25
CA GLY A 113 2.71 -23.53 12.71
C GLY A 113 1.42 -23.19 13.46
N GLU A 114 1.45 -22.26 14.42
CA GLU A 114 0.30 -21.77 15.24
C GLU A 114 -0.58 -20.79 14.40
N VAL A 115 -1.90 -20.91 14.61
CA VAL A 115 -2.97 -20.03 14.05
C VAL A 115 -2.90 -18.66 14.70
N THR A 116 -2.50 -17.63 13.95
CA THR A 116 -2.39 -16.24 14.47
C THR A 116 -3.60 -15.40 14.05
N GLY A 117 -4.46 -15.91 13.16
CA GLY A 117 -5.61 -15.14 12.65
C GLY A 117 -6.59 -15.97 11.84
N ARG A 118 -7.78 -15.45 11.63
CA ARG A 118 -8.74 -16.12 10.74
C ARG A 118 -9.74 -15.08 10.22
N ALA A 119 -10.31 -15.33 9.06
CA ALA A 119 -11.23 -14.37 8.44
C ALA A 119 -12.25 -15.12 7.61
N THR A 120 -13.40 -14.49 7.45
CA THR A 120 -14.45 -14.99 6.57
C THR A 120 -15.10 -13.80 5.88
N SER A 121 -15.63 -14.03 4.67
CA SER A 121 -16.27 -12.98 3.84
C SER A 121 -17.45 -13.59 3.09
N LYS A 122 -18.53 -12.82 2.92
CA LYS A 122 -19.75 -13.18 2.16
C LYS A 122 -19.78 -12.31 0.89
N TRP A 123 -19.95 -12.96 -0.24
CA TRP A 123 -19.94 -12.42 -1.61
C TRP A 123 -21.31 -12.66 -2.22
N VAL A 124 -21.81 -11.68 -2.98
CA VAL A 124 -23.15 -11.73 -3.62
C VAL A 124 -22.96 -11.37 -5.10
N MET A 125 -23.93 -11.74 -5.92
CA MET A 125 -23.78 -11.56 -7.37
C MET A 125 -24.44 -10.24 -7.76
N MET A 126 -23.80 -9.49 -8.66
CA MET A 126 -24.26 -8.16 -9.10
C MET A 126 -24.04 -8.08 -10.60
N ASN A 127 -25.06 -7.59 -11.33
CA ASN A 127 -24.88 -7.14 -12.73
C ASN A 127 -23.94 -5.95 -12.69
N GLN A 128 -22.77 -6.07 -13.34
CA GLN A 128 -21.76 -4.99 -13.49
C GLN A 128 -22.44 -3.63 -13.72
N ASP A 129 -23.31 -3.56 -14.73
CA ASP A 129 -23.82 -2.29 -15.35
C ASP A 129 -24.96 -1.73 -14.51
N THR A 130 -25.97 -2.53 -14.19
CA THR A 130 -27.19 -2.06 -13.48
C THR A 130 -26.95 -1.97 -11.96
N ARG A 131 -25.93 -2.70 -11.46
CA ARG A 131 -25.59 -2.83 -10.00
C ARG A 131 -26.73 -3.53 -9.25
N ARG A 132 -27.47 -4.43 -9.90
CA ARG A 132 -28.65 -5.10 -9.31
C ARG A 132 -28.20 -6.45 -8.75
N LEU A 133 -28.18 -6.61 -7.42
CA LEU A 133 -27.99 -7.92 -6.73
C LEU A 133 -28.98 -8.93 -7.35
N GLN A 134 -28.70 -10.22 -7.18
CA GLN A 134 -29.61 -11.32 -7.60
C GLN A 134 -29.11 -12.63 -7.02
N LYS A 135 -30.01 -13.62 -6.98
CA LYS A 135 -29.75 -14.98 -6.47
C LYS A 135 -28.80 -15.67 -7.47
N VAL A 136 -28.01 -16.64 -6.99
CA VAL A 136 -27.12 -17.46 -7.84
C VAL A 136 -28.01 -18.44 -8.65
N SER A 137 -27.73 -18.62 -9.94
CA SER A 137 -28.45 -19.58 -10.82
C SER A 137 -27.73 -20.93 -10.83
N ASP A 138 -28.47 -22.05 -10.78
CA ASP A 138 -27.89 -23.42 -10.77
C ASP A 138 -26.80 -23.54 -11.85
N ASP A 139 -26.98 -22.96 -13.05
CA ASP A 139 -26.02 -23.01 -14.19
C ASP A 139 -24.64 -22.49 -13.75
N VAL A 140 -24.61 -21.29 -13.14
CA VAL A 140 -23.41 -20.61 -12.55
C VAL A 140 -22.87 -21.48 -11.40
N ARG A 141 -23.76 -21.93 -10.50
CA ARG A 141 -23.39 -22.73 -9.29
C ARG A 141 -22.55 -23.94 -9.71
N ASP A 142 -23.01 -24.72 -10.68
CA ASP A 142 -22.37 -25.98 -11.15
C ASP A 142 -20.91 -25.75 -11.60
N GLU A 143 -20.64 -24.62 -12.27
CA GLU A 143 -19.32 -24.21 -12.84
C GLU A 143 -18.23 -24.08 -11.76
N TYR A 144 -18.55 -23.85 -10.48
CA TYR A 144 -17.51 -23.63 -9.43
C TYR A 144 -17.60 -24.52 -8.19
N LEU A 145 -18.68 -25.28 -8.06
CA LEU A 145 -18.97 -26.11 -6.85
C LEU A 145 -17.93 -27.23 -6.73
N VAL A 146 -17.35 -27.70 -7.85
CA VAL A 146 -16.24 -28.70 -7.86
C VAL A 146 -15.03 -28.12 -7.12
N PHE A 147 -14.76 -26.82 -7.27
CA PHE A 147 -13.56 -26.16 -6.68
C PHE A 147 -13.71 -25.87 -5.17
N CYS A 148 -14.83 -26.22 -4.55
CA CYS A 148 -15.15 -26.01 -3.12
C CYS A 148 -15.27 -27.35 -2.40
N PRO A 149 -14.89 -27.43 -1.09
CA PRO A 149 -15.09 -28.65 -0.31
C PRO A 149 -16.60 -28.94 -0.32
N GLN A 150 -16.98 -30.20 -0.15
CA GLN A 150 -18.40 -30.61 -0.27
C GLN A 150 -19.03 -30.57 1.13
N GLU A 151 -18.30 -31.03 2.14
CA GLU A 151 -18.70 -30.97 3.56
C GLU A 151 -18.28 -29.59 4.06
N PRO A 152 -19.10 -28.96 4.93
CA PRO A 152 -18.81 -27.59 5.36
C PRO A 152 -17.43 -27.55 6.01
N ARG A 153 -16.61 -26.59 5.61
CA ARG A 153 -15.31 -26.24 6.22
C ARG A 153 -15.39 -24.73 6.62
N LEU A 154 -15.48 -24.41 7.92
CA LEU A 154 -15.76 -23.05 8.46
C LEU A 154 -14.54 -22.52 9.20
N ALA A 155 -13.98 -21.37 8.83
CA ALA A 155 -13.00 -20.71 9.72
C ALA A 155 -13.63 -20.38 11.07
N PHE A 156 -14.91 -20.08 11.11
CA PHE A 156 -15.64 -19.71 12.36
C PHE A 156 -16.70 -20.77 12.64
N PRO A 157 -16.30 -21.89 13.29
CA PRO A 157 -17.26 -22.94 13.68
C PRO A 157 -18.16 -22.53 14.86
N GLU A 158 -17.65 -21.74 15.83
CA GLU A 158 -18.40 -21.33 17.06
C GLU A 158 -19.91 -21.32 16.77
N GLU A 159 -20.69 -22.01 17.61
CA GLU A 159 -22.17 -22.12 17.51
C GLU A 159 -22.80 -20.72 17.48
N ASN A 160 -22.27 -19.78 18.26
CA ASN A 160 -22.71 -18.35 18.27
C ASN A 160 -21.50 -17.46 17.96
N ASN A 161 -21.19 -17.24 16.67
CA ASN A 161 -19.94 -16.53 16.24
C ASN A 161 -20.25 -15.11 15.77
N ARG A 162 -19.50 -14.16 16.34
CA ARG A 162 -19.47 -12.70 16.01
C ARG A 162 -19.53 -12.51 14.48
N SER A 163 -18.87 -13.38 13.69
CA SER A 163 -18.81 -13.30 12.20
C SER A 163 -20.19 -13.15 11.52
N LEU A 164 -21.28 -13.57 12.16
CA LEU A 164 -22.64 -13.57 11.57
C LEU A 164 -23.60 -12.57 12.30
N LYS A 165 -23.13 -11.85 13.33
CA LYS A 165 -24.02 -10.98 14.17
C LYS A 165 -24.49 -9.74 13.39
N LYS A 166 -25.74 -9.33 13.65
CA LYS A 166 -26.41 -8.18 12.98
C LYS A 166 -25.77 -6.88 13.49
N ILE A 167 -25.50 -5.90 12.61
CA ILE A 167 -24.84 -4.60 12.99
C ILE A 167 -25.86 -3.46 12.89
N PRO A 168 -26.09 -2.73 13.98
CA PRO A 168 -27.06 -1.64 13.94
C PRO A 168 -26.49 -0.32 13.37
N LYS A 169 -27.38 0.63 13.13
CA LYS A 169 -27.03 1.94 12.51
C LYS A 169 -26.72 2.94 13.63
N LEU A 170 -25.50 3.45 13.66
CA LEU A 170 -25.01 4.42 14.64
C LEU A 170 -25.95 5.65 14.65
N GLU A 171 -26.21 6.19 15.84
CA GLU A 171 -27.16 7.32 16.09
C GLU A 171 -26.38 8.61 16.10
N ASP A 172 -26.79 9.61 15.32
CA ASP A 172 -26.23 10.98 15.46
C ASP A 172 -26.70 11.48 16.82
N PRO A 173 -25.87 12.19 17.61
CA PRO A 173 -24.48 12.48 17.27
C PRO A 173 -23.47 11.34 17.53
N ALA A 174 -22.48 11.16 16.67
CA ALA A 174 -21.35 10.22 16.87
C ALA A 174 -20.49 10.72 18.03
N GLN A 175 -19.86 9.82 18.79
CA GLN A 175 -18.87 10.26 19.80
C GLN A 175 -17.66 10.87 19.08
N TYR A 176 -17.29 10.34 17.94
CA TYR A 176 -16.04 10.74 17.23
C TYR A 176 -16.28 10.77 15.73
N SER A 177 -15.48 11.53 14.98
CA SER A 177 -15.66 11.62 13.52
C SER A 177 -14.36 12.08 12.84
N MET A 178 -14.15 11.62 11.63
CA MET A 178 -13.14 12.10 10.69
C MET A 178 -13.89 12.45 9.39
N ILE A 179 -13.80 13.70 8.99
CA ILE A 179 -14.63 14.39 7.96
C ILE A 179 -13.82 14.50 6.66
N GLY A 180 -14.46 14.37 5.52
CA GLY A 180 -13.88 14.80 4.24
C GLY A 180 -12.86 13.82 3.71
N LEU A 181 -12.93 12.51 4.03
CA LEU A 181 -12.03 11.46 3.51
C LEU A 181 -12.29 11.25 2.01
N LYS A 182 -11.23 11.29 1.18
CA LYS A 182 -11.36 11.13 -0.30
C LYS A 182 -10.37 10.07 -0.78
N PRO A 183 -10.74 9.19 -1.72
CA PRO A 183 -9.77 8.25 -2.32
C PRO A 183 -8.80 8.94 -3.31
N ARG A 184 -7.52 8.54 -3.28
CA ARG A 184 -6.53 8.93 -4.33
C ARG A 184 -6.33 7.71 -5.26
N ARG A 185 -5.46 7.82 -6.26
CA ARG A 185 -5.34 6.77 -7.30
C ARG A 185 -4.80 5.47 -6.67
N ALA A 186 -3.92 5.55 -5.68
CA ALA A 186 -3.39 4.34 -5.01
C ALA A 186 -4.53 3.60 -4.29
N ASP A 187 -5.68 4.23 -4.00
CA ASP A 187 -6.86 3.54 -3.40
C ASP A 187 -7.70 2.84 -4.43
N LEU A 188 -7.44 3.04 -5.72
CA LEU A 188 -8.21 2.35 -6.78
C LEU A 188 -7.54 1.02 -7.10
N ASP A 189 -8.33 -0.03 -7.39
CA ASP A 189 -7.89 -1.31 -8.06
C ASP A 189 -7.69 -1.08 -9.56
N MET A 190 -7.34 -2.16 -10.26
CA MET A 190 -7.05 -2.18 -11.72
C MET A 190 -8.28 -1.83 -12.55
N ASN A 191 -9.51 -1.92 -12.01
CA ASN A 191 -10.74 -1.52 -12.77
C ASN A 191 -11.26 -0.16 -12.32
N GLN A 192 -10.48 0.54 -11.48
CA GLN A 192 -10.71 1.96 -11.07
C GLN A 192 -11.89 2.03 -10.09
N HIS A 193 -12.16 0.96 -9.36
CA HIS A 193 -13.08 0.97 -8.21
C HIS A 193 -12.25 1.07 -6.94
N VAL A 194 -12.79 1.75 -5.93
CA VAL A 194 -12.12 1.88 -4.62
C VAL A 194 -11.91 0.45 -4.10
N ASN A 195 -10.69 0.16 -3.65
CA ASN A 195 -10.27 -1.13 -3.01
C ASN A 195 -11.08 -1.32 -1.72
N ASN A 196 -11.63 -2.50 -1.53
CA ASN A 196 -12.35 -2.85 -0.28
C ASN A 196 -11.59 -2.51 0.99
N VAL A 197 -10.24 -2.54 0.94
CA VAL A 197 -9.35 -2.37 2.11
C VAL A 197 -9.29 -0.88 2.53
N THR A 198 -9.46 0.04 1.58
CA THR A 198 -9.58 1.50 1.83
C THR A 198 -10.69 1.78 2.87
N TYR A 199 -11.83 1.09 2.75
CA TYR A 199 -12.98 1.31 3.67
C TYR A 199 -12.60 0.92 5.08
N ILE A 200 -11.82 -0.16 5.19
CA ILE A 200 -11.30 -0.58 6.50
C ILE A 200 -10.51 0.60 7.07
N GLY A 201 -9.61 1.18 6.28
CA GLY A 201 -8.74 2.25 6.80
C GLY A 201 -9.56 3.50 7.15
N TRP A 202 -10.57 3.83 6.33
CA TRP A 202 -11.53 4.94 6.62
C TRP A 202 -12.29 4.65 7.92
N VAL A 203 -12.74 3.41 8.14
CA VAL A 203 -13.50 3.12 9.39
C VAL A 203 -12.56 3.40 10.56
N LEU A 204 -11.28 2.98 10.47
CA LEU A 204 -10.34 3.09 11.63
C LEU A 204 -9.88 4.54 11.88
N GLU A 205 -9.98 5.44 10.91
CA GLU A 205 -9.54 6.84 11.04
C GLU A 205 -10.31 7.61 12.11
N SER A 206 -11.55 7.25 12.44
CA SER A 206 -12.30 7.93 13.54
C SER A 206 -12.02 7.30 14.91
N ILE A 207 -11.24 6.22 15.03
CA ILE A 207 -10.83 5.71 16.38
C ILE A 207 -9.80 6.70 16.90
N PRO A 208 -9.92 7.23 18.14
CA PRO A 208 -8.94 8.17 18.68
C PRO A 208 -7.53 7.56 18.81
N GLN A 209 -6.51 8.40 18.69
CA GLN A 209 -5.09 7.96 18.63
C GLN A 209 -4.74 7.26 19.94
N GLU A 210 -5.29 7.73 21.07
CA GLU A 210 -5.06 7.17 22.42
C GLU A 210 -5.49 5.69 22.45
N ILE A 211 -6.63 5.32 21.85
CA ILE A 211 -7.00 3.88 21.82
C ILE A 211 -5.92 3.15 21.05
N VAL A 212 -5.52 3.68 19.90
CA VAL A 212 -4.63 2.96 18.95
C VAL A 212 -3.24 2.77 19.59
N ASP A 213 -2.80 3.75 20.37
CA ASP A 213 -1.49 3.80 21.06
C ASP A 213 -1.45 2.82 22.22
N THR A 214 -2.61 2.52 22.83
CA THR A 214 -2.74 1.73 24.09
C THR A 214 -3.43 0.39 23.82
N HIS A 215 -4.08 0.18 22.67
CA HIS A 215 -4.85 -1.07 22.43
C HIS A 215 -4.39 -1.73 21.15
N GLU A 216 -4.83 -2.97 20.94
CA GLU A 216 -4.63 -3.70 19.67
C GLU A 216 -5.98 -4.20 19.18
N LEU A 217 -6.23 -4.02 17.89
CA LEU A 217 -7.46 -4.49 17.21
C LEU A 217 -7.48 -6.02 17.20
N GLN A 218 -8.50 -6.61 17.80
CA GLN A 218 -8.69 -8.08 17.81
C GLN A 218 -9.68 -8.47 16.73
N VAL A 219 -10.79 -7.75 16.61
CA VAL A 219 -11.89 -8.11 15.67
C VAL A 219 -12.38 -6.87 14.93
N ILE A 220 -12.73 -7.06 13.65
CA ILE A 220 -13.42 -6.06 12.82
C ILE A 220 -14.43 -6.81 11.98
N THR A 221 -15.68 -6.37 12.00
CA THR A 221 -16.76 -6.79 11.10
C THR A 221 -17.18 -5.56 10.30
N LEU A 222 -17.27 -5.69 9.00
CA LEU A 222 -17.66 -4.62 8.07
C LEU A 222 -18.67 -5.13 7.04
N ASP A 223 -19.85 -4.51 6.99
CA ASP A 223 -20.85 -4.60 5.91
C ASP A 223 -20.55 -3.53 4.85
N TYR A 224 -20.71 -3.92 3.59
CA TYR A 224 -20.51 -3.08 2.39
C TYR A 224 -21.92 -2.90 1.83
N ARG A 225 -22.43 -1.67 1.84
CA ARG A 225 -23.81 -1.31 1.44
C ARG A 225 -23.82 -0.76 0.03
N ARG A 226 -22.91 0.19 -0.24
CA ARG A 226 -22.79 0.94 -1.53
C ARG A 226 -21.30 1.18 -1.77
N GLU A 227 -20.91 1.31 -3.00
CA GLU A 227 -19.53 1.62 -3.40
C GLU A 227 -19.30 3.13 -3.30
N CYS A 228 -18.19 3.59 -2.69
CA CYS A 228 -17.69 4.96 -2.86
C CYS A 228 -17.02 5.10 -4.25
N GLN A 229 -17.42 6.13 -4.97
CA GLN A 229 -16.92 6.39 -6.32
C GLN A 229 -15.68 7.27 -6.15
N GLN A 230 -14.86 7.31 -7.18
CA GLN A 230 -13.58 8.04 -7.27
C GLN A 230 -13.76 9.52 -6.91
N ASP A 231 -14.91 10.16 -7.18
CA ASP A 231 -15.11 11.60 -6.88
C ASP A 231 -16.07 11.81 -5.69
N ASP A 232 -16.28 10.79 -4.85
CA ASP A 232 -17.11 10.91 -3.63
C ASP A 232 -16.21 11.35 -2.46
N VAL A 233 -16.83 11.84 -1.41
CA VAL A 233 -16.17 12.26 -0.14
C VAL A 233 -16.93 11.57 0.96
N VAL A 234 -16.19 11.09 1.94
CA VAL A 234 -16.73 10.16 2.96
C VAL A 234 -16.53 10.81 4.31
N ASP A 235 -17.51 10.58 5.17
CA ASP A 235 -17.38 10.85 6.62
C ASP A 235 -17.31 9.52 7.37
N SER A 236 -16.41 9.43 8.36
CA SER A 236 -16.25 8.25 9.24
C SER A 236 -16.72 8.58 10.68
N LEU A 237 -17.71 7.83 11.18
CA LEU A 237 -18.31 8.02 12.52
C LEU A 237 -18.11 6.73 13.37
N THR A 238 -17.74 6.90 14.62
CA THR A 238 -17.46 5.90 15.66
C THR A 238 -18.12 6.35 16.97
N THR A 239 -18.75 5.41 17.66
CA THR A 239 -19.24 5.57 19.06
C THR A 239 -18.78 4.37 19.88
N THR A 240 -18.24 4.61 21.09
CA THR A 240 -17.92 3.53 22.08
C THR A 240 -19.24 2.83 22.42
N THR A 241 -19.33 1.49 22.37
CA THR A 241 -20.53 0.71 22.78
C THR A 241 -20.23 -0.13 24.02
N SER A 242 -19.01 -0.07 24.54
CA SER A 242 -18.65 -0.57 25.89
C SER A 242 -18.62 0.62 26.88
N ASN A 259 -11.76 -4.17 30.37
CA ASN A 259 -10.43 -4.24 29.71
C ASN A 259 -10.55 -4.18 28.18
N ASP A 260 -11.72 -4.50 27.60
CA ASP A 260 -11.95 -4.58 26.14
C ASP A 260 -12.84 -3.41 25.70
N SER A 261 -12.35 -2.56 24.79
CA SER A 261 -13.14 -1.48 24.13
C SER A 261 -13.78 -2.02 22.84
N GLN A 262 -15.08 -1.79 22.68
CA GLN A 262 -15.87 -2.03 21.45
C GLN A 262 -16.38 -0.69 20.94
N PHE A 263 -16.56 -0.61 19.62
CA PHE A 263 -17.00 0.59 18.87
C PHE A 263 -18.03 0.15 17.85
N LEU A 264 -18.97 1.03 17.57
CA LEU A 264 -19.88 0.92 16.43
C LEU A 264 -19.40 1.91 15.37
N HIS A 265 -19.43 1.57 14.09
CA HIS A 265 -18.84 2.39 13.01
C HIS A 265 -19.85 2.70 11.94
N LEU A 266 -19.76 3.88 11.31
CA LEU A 266 -20.55 4.20 10.11
C LEU A 266 -19.71 5.05 9.13
N LEU A 267 -19.67 4.66 7.85
CA LEU A 267 -19.12 5.48 6.74
C LEU A 267 -20.30 5.97 5.93
N ARG A 268 -20.36 7.27 5.59
CA ARG A 268 -21.48 7.79 4.77
C ARG A 268 -20.99 8.94 3.90
N LEU A 269 -21.67 9.21 2.78
CA LEU A 269 -21.21 10.25 1.83
C LEU A 269 -21.39 11.60 2.50
N SER A 270 -20.37 12.45 2.49
CA SER A 270 -20.32 13.68 3.30
C SER A 270 -21.42 14.66 2.89
N GLY A 271 -21.98 14.57 1.69
CA GLY A 271 -23.10 15.45 1.29
C GLY A 271 -24.40 15.01 1.91
N ASP A 272 -25.14 14.20 1.14
CA ASP A 272 -26.49 13.66 1.50
C ASP A 272 -26.46 12.70 2.72
N GLY A 273 -25.29 12.21 3.16
CA GLY A 273 -25.22 11.23 4.26
C GLY A 273 -25.79 9.84 3.92
N GLN A 274 -25.81 9.47 2.63
CA GLN A 274 -25.98 8.06 2.15
C GLN A 274 -24.95 7.06 2.74
N GLU A 275 -25.41 5.95 3.34
CA GLU A 275 -24.59 4.96 4.05
C GLU A 275 -23.73 4.19 3.03
N ILE A 276 -22.44 4.08 3.25
CA ILE A 276 -21.63 3.17 2.37
C ILE A 276 -21.26 1.91 3.18
N ASN A 277 -21.01 2.01 4.47
CA ASN A 277 -20.55 0.86 5.30
C ASN A 277 -21.07 1.02 6.70
N ARG A 278 -21.26 -0.09 7.40
CA ARG A 278 -21.33 -0.06 8.88
C ARG A 278 -20.44 -1.17 9.45
N GLY A 279 -20.01 -1.00 10.70
CA GLY A 279 -19.09 -2.01 11.28
C GLY A 279 -18.99 -1.93 12.77
N THR A 280 -18.31 -2.91 13.37
CA THR A 280 -17.89 -2.97 14.79
C THR A 280 -16.42 -3.38 14.87
N THR A 281 -15.71 -2.86 15.85
CA THR A 281 -14.32 -3.29 16.18
C THR A 281 -14.30 -3.66 17.66
N LEU A 282 -13.37 -4.56 18.00
CA LEU A 282 -13.08 -4.96 19.39
C LEU A 282 -11.58 -4.82 19.62
N TRP A 283 -11.20 -4.13 20.69
CA TRP A 283 -9.79 -3.82 21.02
C TRP A 283 -9.46 -4.37 22.41
N ARG A 284 -8.26 -4.88 22.58
CA ARG A 284 -7.83 -5.36 23.91
C ARG A 284 -6.61 -4.55 24.30
N LYS A 285 -6.51 -4.17 25.58
CA LYS A 285 -5.35 -3.47 26.16
C LYS A 285 -4.10 -4.29 25.88
N LYS A 286 -3.03 -3.64 25.43
CA LYS A 286 -1.70 -4.24 25.14
C LYS A 286 -1.11 -4.93 26.38
N GLY B 2 16.26 -11.77 -0.34
CA GLY B 2 17.33 -11.02 -1.01
C GLY B 2 18.67 -11.33 -0.36
N SER B 3 19.75 -10.90 -0.97
CA SER B 3 21.10 -11.20 -0.46
C SER B 3 22.07 -10.12 -0.88
N LEU B 4 23.04 -9.81 0.00
CA LEU B 4 24.30 -9.16 -0.44
C LEU B 4 24.89 -9.98 -1.60
N THR B 5 25.49 -9.31 -2.57
CA THR B 5 26.20 -9.93 -3.71
C THR B 5 27.52 -10.54 -3.19
N GLU B 6 28.29 -11.16 -4.06
CA GLU B 6 29.58 -11.83 -3.69
C GLU B 6 30.48 -10.84 -2.93
N ASP B 7 30.69 -9.65 -3.47
CA ASP B 7 31.66 -8.64 -2.97
C ASP B 7 31.14 -7.90 -1.72
N GLY B 8 29.89 -8.08 -1.29
CA GLY B 8 29.31 -7.44 -0.09
C GLY B 8 29.00 -5.95 -0.25
N LEU B 9 29.06 -5.40 -1.48
CA LEU B 9 29.00 -3.94 -1.76
C LEU B 9 27.65 -3.53 -2.41
N SER B 10 26.72 -4.48 -2.59
CA SER B 10 25.38 -4.21 -3.16
C SER B 10 24.44 -5.32 -2.71
N TYR B 11 23.11 -5.13 -2.90
CA TYR B 11 22.05 -6.03 -2.36
C TYR B 11 21.04 -6.27 -3.46
N LYS B 12 20.56 -7.52 -3.59
CA LYS B 12 19.59 -7.89 -4.66
C LYS B 12 18.40 -8.57 -4.04
N GLU B 13 17.22 -8.30 -4.56
CA GLU B 13 15.97 -8.93 -4.06
C GLU B 13 14.98 -9.04 -5.23
N LYS B 14 14.25 -10.14 -5.26
CA LYS B 14 13.14 -10.44 -6.19
C LYS B 14 11.81 -10.18 -5.48
N PHE B 15 10.86 -9.63 -6.22
CA PHE B 15 9.47 -9.39 -5.79
C PHE B 15 8.53 -9.88 -6.86
N VAL B 16 7.44 -10.55 -6.46
CA VAL B 16 6.36 -10.95 -7.43
C VAL B 16 5.28 -9.85 -7.35
N VAL B 17 4.98 -9.19 -8.45
CA VAL B 17 3.97 -8.07 -8.44
C VAL B 17 2.58 -8.62 -8.05
N ARG B 18 1.97 -8.03 -7.02
CA ARG B 18 0.66 -8.44 -6.41
C ARG B 18 -0.56 -7.79 -7.09
N SER B 19 -1.76 -8.39 -6.98
CA SER B 19 -3.04 -7.92 -7.59
C SER B 19 -3.35 -6.45 -7.22
N TYR B 20 -3.24 -6.10 -5.93
CA TYR B 20 -3.59 -4.76 -5.41
C TYR B 20 -2.50 -3.72 -5.76
N GLU B 21 -1.35 -4.13 -6.29
CA GLU B 21 -0.17 -3.24 -6.58
C GLU B 21 -0.26 -2.66 -7.98
N VAL B 22 -1.18 -3.15 -8.83
CA VAL B 22 -1.19 -2.71 -10.27
C VAL B 22 -2.29 -1.68 -10.50
N GLY B 23 -2.10 -0.82 -11.49
CA GLY B 23 -3.10 0.16 -12.00
C GLY B 23 -3.95 -0.36 -13.16
N SER B 24 -4.55 0.56 -13.94
CA SER B 24 -5.55 0.27 -15.00
C SER B 24 -4.92 -0.43 -16.22
N ASN B 25 -3.61 -0.38 -16.39
CA ASN B 25 -2.88 -1.12 -17.46
C ASN B 25 -2.41 -2.49 -16.95
N LYS B 26 -2.85 -2.94 -15.76
CA LYS B 26 -2.46 -4.22 -15.13
C LYS B 26 -0.94 -4.32 -15.04
N THR B 27 -0.25 -3.20 -14.84
CA THR B 27 1.19 -3.14 -14.47
C THR B 27 1.38 -2.32 -13.19
N ALA B 28 2.52 -2.50 -12.52
CA ALA B 28 2.81 -1.91 -11.20
C ALA B 28 2.75 -0.38 -11.33
N THR B 29 2.17 0.28 -10.31
CA THR B 29 2.18 1.75 -10.19
C THR B 29 3.60 2.19 -9.83
N VAL B 30 3.92 3.46 -10.10
CA VAL B 30 5.21 4.06 -9.68
C VAL B 30 5.24 4.11 -8.14
N GLU B 31 4.09 4.21 -7.46
CA GLU B 31 4.06 4.10 -5.98
C GLU B 31 4.47 2.68 -5.51
N THR B 32 3.96 1.62 -6.12
CA THR B 32 4.44 0.25 -5.81
C THR B 32 5.97 0.15 -6.05
N ILE B 33 6.45 0.59 -7.22
CA ILE B 33 7.91 0.63 -7.46
C ILE B 33 8.60 1.33 -6.30
N ALA B 34 8.24 2.55 -6.01
CA ALA B 34 8.89 3.34 -4.95
C ALA B 34 8.91 2.61 -3.59
N ASN B 35 7.83 1.92 -3.23
CA ASN B 35 7.73 1.08 -2.02
C ASN B 35 8.74 -0.09 -2.07
N LEU B 36 8.85 -0.76 -3.20
CA LEU B 36 9.86 -1.84 -3.37
C LEU B 36 11.27 -1.25 -3.25
N LEU B 37 11.54 -0.07 -3.84
CA LEU B 37 12.89 0.53 -3.73
C LEU B 37 13.22 0.64 -2.24
N GLN B 38 12.26 1.12 -1.45
CA GLN B 38 12.48 1.38 0.01
C GLN B 38 12.68 0.04 0.74
N GLU B 39 11.88 -0.95 0.40
CA GLU B 39 11.96 -2.27 1.08
C GLU B 39 13.36 -2.83 0.82
N VAL B 40 13.87 -2.75 -0.40
CA VAL B 40 15.17 -3.41 -0.67
C VAL B 40 16.26 -2.57 0.02
N GLY B 41 16.06 -1.25 0.09
CA GLY B 41 16.97 -0.36 0.84
C GLY B 41 17.03 -0.80 2.30
N CYS B 42 15.89 -1.10 2.90
CA CYS B 42 15.80 -1.50 4.31
C CYS B 42 16.49 -2.86 4.44
N ASN B 43 16.27 -3.81 3.53
CA ASN B 43 16.89 -5.16 3.68
C ASN B 43 18.42 -5.04 3.50
N HIS B 44 18.93 -4.14 2.67
CA HIS B 44 20.37 -3.88 2.54
C HIS B 44 20.94 -3.41 3.88
N ALA B 45 20.36 -2.37 4.47
CA ALA B 45 20.75 -1.82 5.80
C ALA B 45 20.80 -2.92 6.87
N GLN B 46 19.75 -3.75 6.94
CA GLN B 46 19.61 -4.82 7.95
C GLN B 46 20.73 -5.87 7.74
N SER B 47 21.12 -6.12 6.49
CA SER B 47 22.10 -7.17 6.12
C SER B 47 23.49 -6.82 6.65
N VAL B 48 23.80 -5.52 6.79
CA VAL B 48 25.17 -5.08 7.19
C VAL B 48 25.17 -4.50 8.62
N GLY B 49 24.07 -4.62 9.36
CA GLY B 49 24.07 -4.21 10.78
C GLY B 49 23.59 -2.80 11.04
N PHE B 50 22.89 -2.18 10.10
CA PHE B 50 22.47 -0.76 10.28
C PHE B 50 20.99 -0.70 10.65
N SER B 51 20.42 0.51 10.67
CA SER B 51 18.97 0.72 10.94
C SER B 51 18.67 0.43 12.42
N ALA B 56 18.42 4.51 8.66
CA ALA B 56 19.70 3.82 8.32
C ALA B 56 20.81 4.26 9.29
N THR B 57 20.47 4.28 10.59
CA THR B 57 21.28 4.82 11.70
C THR B 57 22.57 4.01 11.86
N THR B 58 23.67 4.67 12.22
CA THR B 58 24.99 4.07 12.56
C THR B 58 25.47 4.60 13.92
N THR B 59 25.63 3.69 14.90
CA THR B 59 26.15 3.90 16.29
C THR B 59 26.31 5.38 16.67
N THR B 60 27.25 6.10 16.05
CA THR B 60 27.60 7.50 16.39
C THR B 60 26.47 8.46 15.97
N MET B 61 25.57 8.04 15.07
CA MET B 61 24.35 8.79 14.66
C MET B 61 23.28 8.63 15.75
N ARG B 62 23.04 7.40 16.19
CA ARG B 62 22.08 7.08 17.27
C ARG B 62 22.53 7.82 18.55
N LYS B 63 23.85 8.02 18.71
CA LYS B 63 24.48 8.72 19.85
C LYS B 63 24.15 10.22 19.80
N LEU B 64 24.38 10.88 18.67
CA LEU B 64 24.19 12.36 18.51
C LEU B 64 22.75 12.64 18.03
N HIS B 65 21.91 11.62 17.94
CA HIS B 65 20.47 11.69 17.55
C HIS B 65 20.34 12.15 16.09
N LEU B 66 21.21 11.63 15.21
CA LEU B 66 21.23 11.96 13.76
C LEU B 66 20.51 10.86 12.98
N ILE B 67 19.78 11.23 11.92
CA ILE B 67 19.07 10.31 10.99
C ILE B 67 19.47 10.69 9.57
N TRP B 68 19.32 9.78 8.60
CA TRP B 68 19.35 10.10 7.14
C TRP B 68 17.93 10.43 6.71
N VAL B 69 17.74 11.54 6.00
CA VAL B 69 16.41 12.00 5.45
C VAL B 69 16.58 12.28 3.95
N THR B 70 15.55 11.99 3.16
CA THR B 70 15.63 12.10 1.68
C THR B 70 15.54 13.57 1.27
N ALA B 71 16.53 14.04 0.55
CA ALA B 71 16.50 15.36 -0.10
C ALA B 71 15.83 15.19 -1.45
N ARG B 72 16.12 14.07 -2.13
CA ARG B 72 15.78 13.95 -3.56
C ARG B 72 15.62 12.48 -3.96
N MET B 73 14.60 12.25 -4.77
CA MET B 73 14.26 10.97 -5.41
C MET B 73 14.11 11.22 -6.91
N HIS B 74 14.78 10.42 -7.75
CA HIS B 74 14.66 10.42 -9.23
C HIS B 74 14.44 8.98 -9.69
N ILE B 75 13.32 8.70 -10.34
CA ILE B 75 13.02 7.35 -10.87
C ILE B 75 12.74 7.47 -12.36
N GLU B 76 13.35 6.60 -13.17
N GLU B 76 13.32 6.56 -13.16
N GLU B 76 13.35 6.60 -13.17
CA GLU B 76 13.01 6.41 -14.60
CA GLU B 76 13.07 6.40 -14.62
CA GLU B 76 13.01 6.41 -14.60
C GLU B 76 12.57 4.96 -14.82
C GLU B 76 12.61 4.95 -14.88
C GLU B 76 12.57 4.96 -14.82
N ILE B 77 11.39 4.76 -15.41
CA ILE B 77 10.84 3.42 -15.73
C ILE B 77 10.70 3.26 -17.23
N TYR B 78 11.27 2.21 -17.79
CA TYR B 78 11.13 1.95 -19.24
C TYR B 78 9.95 0.99 -19.43
N LYS B 79 9.81 0.01 -18.55
CA LYS B 79 8.65 -0.92 -18.62
C LYS B 79 8.18 -1.19 -17.19
N TYR B 80 6.87 -1.15 -16.97
CA TYR B 80 6.25 -1.43 -15.67
C TYR B 80 5.97 -2.93 -15.62
N PRO B 81 6.43 -3.66 -14.59
CA PRO B 81 6.18 -5.10 -14.56
C PRO B 81 4.69 -5.37 -14.44
N ALA B 82 4.22 -6.45 -15.08
CA ALA B 82 2.82 -6.91 -15.03
C ALA B 82 2.60 -7.68 -13.73
N TRP B 83 1.36 -7.70 -13.31
CA TRP B 83 0.81 -8.55 -12.23
C TRP B 83 1.30 -10.01 -12.39
N GLY B 84 1.89 -10.58 -11.35
CA GLY B 84 2.46 -11.93 -11.40
C GLY B 84 3.87 -12.02 -12.00
N ASP B 85 4.46 -10.93 -12.51
CA ASP B 85 5.88 -10.92 -12.97
C ASP B 85 6.87 -10.82 -11.79
N VAL B 86 8.08 -11.30 -12.00
CA VAL B 86 9.20 -11.21 -11.03
C VAL B 86 10.10 -10.05 -11.47
N VAL B 87 10.24 -9.05 -10.61
CA VAL B 87 11.22 -7.92 -10.78
C VAL B 87 12.38 -8.11 -9.81
N GLU B 88 13.60 -7.97 -10.31
CA GLU B 88 14.82 -8.05 -9.46
C GLU B 88 15.34 -6.63 -9.33
N ILE B 89 15.64 -6.24 -8.09
CA ILE B 89 16.14 -4.90 -7.75
C ILE B 89 17.50 -5.05 -7.08
N GLU B 90 18.50 -4.36 -7.63
CA GLU B 90 19.85 -4.24 -7.01
C GLU B 90 20.03 -2.80 -6.49
N THR B 91 20.61 -2.68 -5.31
CA THR B 91 20.78 -1.38 -4.65
C THR B 91 22.14 -1.29 -3.96
N TRP B 92 22.68 -0.11 -3.96
CA TRP B 92 23.97 0.16 -3.32
C TRP B 92 23.98 1.62 -2.90
N CYS B 93 24.84 1.94 -1.97
CA CYS B 93 25.02 3.29 -1.44
C CYS B 93 26.39 3.77 -1.77
N GLN B 94 26.55 5.09 -1.79
CA GLN B 94 27.85 5.79 -2.00
C GLN B 94 27.90 7.03 -1.12
N SER B 95 29.07 7.39 -0.63
CA SER B 95 29.33 8.69 0.06
C SER B 95 29.49 9.78 -1.00
N GLU B 96 28.97 10.97 -0.72
CA GLU B 96 29.19 12.21 -1.51
C GLU B 96 29.82 13.25 -0.59
N GLY B 97 30.77 12.82 0.24
CA GLY B 97 31.50 13.68 1.20
C GLY B 97 30.58 14.26 2.25
N ARG B 98 30.77 15.55 2.57
CA ARG B 98 30.01 16.30 3.61
C ARG B 98 28.56 16.49 3.16
N ILE B 99 28.31 16.55 1.85
CA ILE B 99 26.95 16.77 1.25
C ILE B 99 25.99 15.77 1.90
N GLY B 100 26.31 14.47 1.84
CA GLY B 100 25.48 13.38 2.37
C GLY B 100 25.84 12.05 1.74
N THR B 101 24.82 11.20 1.50
CA THR B 101 24.96 9.83 0.94
C THR B 101 24.00 9.71 -0.24
N ARG B 102 24.27 8.75 -1.14
CA ARG B 102 23.47 8.49 -2.36
C ARG B 102 23.08 7.01 -2.37
N ARG B 103 21.81 6.69 -2.65
CA ARG B 103 21.36 5.29 -2.76
C ARG B 103 20.82 5.21 -4.16
N ASP B 104 21.31 4.24 -4.93
CA ASP B 104 20.92 3.98 -6.33
C ASP B 104 20.29 2.60 -6.46
N TRP B 105 19.45 2.41 -7.49
CA TRP B 105 18.76 1.14 -7.76
C TRP B 105 18.76 0.83 -9.26
N ILE B 106 18.85 -0.45 -9.62
CA ILE B 106 18.59 -0.92 -11.00
C ILE B 106 17.50 -1.96 -10.89
N LEU B 107 16.46 -1.84 -11.73
N LEU B 107 16.48 -1.86 -11.75
N LEU B 107 16.46 -1.84 -11.73
CA LEU B 107 15.33 -2.80 -11.81
CA LEU B 107 15.34 -2.82 -11.80
CA LEU B 107 15.33 -2.80 -11.81
C LEU B 107 15.50 -3.66 -13.06
C LEU B 107 15.47 -3.66 -13.07
C LEU B 107 15.50 -3.66 -13.06
N LYS B 108 15.33 -4.99 -12.94
CA LYS B 108 15.41 -5.92 -14.10
C LYS B 108 14.19 -6.83 -14.15
N ASP B 109 13.78 -7.16 -15.38
CA ASP B 109 12.96 -8.35 -15.72
C ASP B 109 13.80 -9.58 -15.35
N SER B 110 13.36 -10.34 -14.35
CA SER B 110 14.06 -11.51 -13.79
C SER B 110 14.28 -12.55 -14.89
N VAL B 111 13.30 -12.72 -15.78
CA VAL B 111 13.30 -13.71 -16.89
C VAL B 111 14.31 -13.28 -17.96
N THR B 112 14.17 -12.08 -18.52
CA THR B 112 14.98 -11.62 -19.68
C THR B 112 16.33 -11.07 -19.20
N GLY B 113 16.52 -10.79 -17.91
CA GLY B 113 17.68 -10.03 -17.39
C GLY B 113 17.82 -8.60 -17.94
N GLU B 114 16.81 -8.10 -18.66
CA GLU B 114 16.71 -6.73 -19.25
C GLU B 114 16.43 -5.69 -18.14
N VAL B 115 17.10 -4.53 -18.23
CA VAL B 115 16.93 -3.36 -17.33
C VAL B 115 15.58 -2.70 -17.65
N THR B 116 14.64 -2.70 -16.71
CA THR B 116 13.30 -2.09 -16.93
C THR B 116 13.18 -0.74 -16.20
N GLY B 117 14.12 -0.41 -15.31
CA GLY B 117 14.13 0.93 -14.69
C GLY B 117 15.38 1.18 -13.89
N ARG B 118 15.55 2.43 -13.42
N ARG B 118 15.55 2.43 -13.42
N ARG B 118 15.56 2.43 -13.43
CA ARG B 118 16.70 2.83 -12.56
CA ARG B 118 16.70 2.83 -12.56
CA ARG B 118 16.67 2.80 -12.52
C ARG B 118 16.29 4.03 -11.71
C ARG B 118 16.29 4.03 -11.71
C ARG B 118 16.23 3.99 -11.66
N ALA B 119 16.88 4.16 -10.51
CA ALA B 119 16.53 5.23 -9.57
C ALA B 119 17.77 5.64 -8.81
N THR B 120 17.79 6.92 -8.45
CA THR B 120 18.82 7.48 -7.57
C THR B 120 18.12 8.39 -6.57
N SER B 121 18.72 8.53 -5.37
CA SER B 121 18.19 9.40 -4.30
C SER B 121 19.35 9.96 -3.48
N LYS B 122 19.22 11.22 -3.08
CA LYS B 122 20.19 11.98 -2.26
C LYS B 122 19.63 12.13 -0.86
N TRP B 123 20.41 11.72 0.14
CA TRP B 123 20.07 11.74 1.58
C TRP B 123 21.00 12.73 2.30
N VAL B 124 20.49 13.39 3.34
CA VAL B 124 21.24 14.37 4.19
C VAL B 124 21.00 14.00 5.66
N MET B 125 21.83 14.51 6.57
CA MET B 125 21.89 14.04 7.99
C MET B 125 20.67 14.52 8.79
N MET B 126 20.68 15.74 9.31
CA MET B 126 19.59 16.30 10.16
C MET B 126 19.50 15.59 11.52
N ASN B 127 19.51 16.40 12.59
CA ASN B 127 19.18 16.02 13.99
C ASN B 127 17.68 15.75 14.05
N GLN B 128 17.26 14.63 14.62
CA GLN B 128 15.84 14.20 14.64
C GLN B 128 15.01 15.20 15.46
N ASP B 129 15.56 15.71 16.57
CA ASP B 129 14.83 16.54 17.57
C ASP B 129 14.68 17.97 17.02
N THR B 130 15.78 18.62 16.65
CA THR B 130 15.82 20.04 16.21
C THR B 130 15.47 20.16 14.72
N ARG B 131 15.65 19.08 13.95
CA ARG B 131 15.45 18.98 12.47
C ARG B 131 16.45 19.91 11.76
N ARG B 132 17.61 20.18 12.38
CA ARG B 132 18.68 21.06 11.81
C ARG B 132 19.56 20.21 10.89
N LEU B 133 19.66 20.62 9.62
CA LEU B 133 20.51 19.98 8.58
C LEU B 133 21.97 20.03 9.04
N GLN B 134 22.64 18.87 9.06
CA GLN B 134 24.06 18.71 9.45
C GLN B 134 24.87 18.41 8.19
N LYS B 135 26.19 18.54 8.28
CA LYS B 135 27.15 18.05 7.26
C LYS B 135 27.77 16.76 7.80
N VAL B 136 27.97 15.77 6.93
CA VAL B 136 28.59 14.45 7.27
C VAL B 136 29.81 14.72 8.14
N SER B 137 29.86 14.12 9.34
CA SER B 137 30.86 14.35 10.41
C SER B 137 32.26 14.51 9.81
N ASP B 138 33.11 15.33 10.44
CA ASP B 138 34.53 15.60 10.08
C ASP B 138 35.07 14.43 9.24
N ASP B 139 34.92 13.21 9.75
CA ASP B 139 35.40 11.95 9.11
C ASP B 139 34.76 10.73 9.77
N VAL B 140 34.47 10.80 11.08
CA VAL B 140 33.91 9.70 11.94
C VAL B 140 32.93 8.84 11.14
N ARG B 141 32.31 9.39 10.09
CA ARG B 141 31.48 8.66 9.08
C ARG B 141 32.38 7.80 8.18
N ASP B 142 33.39 7.14 8.76
CA ASP B 142 34.19 6.05 8.15
C ASP B 142 33.56 4.71 8.53
N GLU B 143 32.48 4.76 9.33
CA GLU B 143 31.69 3.59 9.80
C GLU B 143 31.02 2.86 8.64
N TYR B 144 30.71 3.54 7.52
CA TYR B 144 29.87 2.97 6.43
C TYR B 144 30.58 2.96 5.06
N LEU B 145 31.72 3.64 4.89
CA LEU B 145 32.44 3.65 3.58
C LEU B 145 32.85 2.22 3.19
N VAL B 146 33.17 1.37 4.17
CA VAL B 146 33.52 -0.08 3.97
C VAL B 146 32.37 -0.81 3.27
N PHE B 147 31.13 -0.35 3.45
CA PHE B 147 29.92 -0.97 2.82
C PHE B 147 29.53 -0.36 1.45
N CYS B 148 30.21 0.67 0.95
CA CYS B 148 29.99 1.28 -0.39
C CYS B 148 31.10 0.92 -1.35
N PRO B 149 30.85 0.81 -2.68
CA PRO B 149 31.92 0.63 -3.65
C PRO B 149 32.88 1.82 -3.49
N GLN B 150 34.17 1.59 -3.71
CA GLN B 150 35.24 2.62 -3.56
C GLN B 150 35.28 3.49 -4.83
N GLU B 151 35.18 2.87 -6.00
CA GLU B 151 35.12 3.55 -7.31
C GLU B 151 33.66 3.92 -7.61
N PRO B 152 33.41 5.07 -8.24
CA PRO B 152 32.04 5.52 -8.50
C PRO B 152 31.28 4.46 -9.30
N ARG B 153 30.08 4.13 -8.81
CA ARG B 153 29.07 3.26 -9.45
C ARG B 153 27.77 4.11 -9.50
N LEU B 154 27.28 4.48 -10.68
CA LEU B 154 26.18 5.46 -10.87
C LEU B 154 25.06 4.80 -11.69
N ALA B 155 23.85 4.73 -11.16
CA ALA B 155 22.68 4.36 -11.98
C ALA B 155 22.53 5.38 -13.11
N PHE B 156 22.99 6.62 -12.92
CA PHE B 156 22.85 7.70 -13.92
C PHE B 156 24.23 8.29 -14.19
N PRO B 157 25.08 7.61 -15.00
CA PRO B 157 26.49 8.02 -15.11
C PRO B 157 26.75 9.31 -15.91
N GLU B 158 26.03 9.49 -17.02
CA GLU B 158 26.01 10.68 -17.93
C GLU B 158 26.22 12.00 -17.16
N GLU B 159 27.33 12.72 -17.40
CA GLU B 159 27.59 14.10 -16.90
C GLU B 159 26.44 15.00 -17.39
N ASN B 160 25.95 15.88 -16.52
CA ASN B 160 24.76 16.75 -16.73
C ASN B 160 23.59 15.89 -17.26
N ASN B 161 22.92 15.18 -16.35
CA ASN B 161 21.78 14.25 -16.64
C ASN B 161 20.56 14.67 -15.79
N ARG B 162 19.36 14.23 -16.18
CA ARG B 162 18.05 14.67 -15.61
C ARG B 162 18.04 14.60 -14.08
N SER B 163 18.64 13.55 -13.50
CA SER B 163 18.65 13.21 -12.05
C SER B 163 19.21 14.33 -11.18
N LEU B 164 19.94 15.27 -11.78
CA LEU B 164 20.70 16.32 -11.03
C LEU B 164 20.18 17.73 -11.39
N LYS B 165 19.20 17.87 -12.29
CA LYS B 165 18.72 19.20 -12.77
C LYS B 165 17.99 19.97 -11.64
N LYS B 166 18.22 21.29 -11.54
CA LYS B 166 17.52 22.24 -10.63
C LYS B 166 16.02 22.33 -11.02
N ILE B 167 15.11 22.27 -10.05
CA ILE B 167 13.64 22.36 -10.29
C ILE B 167 13.15 23.73 -9.83
N PRO B 168 12.48 24.51 -10.70
CA PRO B 168 11.95 25.81 -10.31
C PRO B 168 10.60 25.73 -9.56
N LYS B 169 10.19 26.84 -8.97
CA LYS B 169 8.96 26.94 -8.15
C LYS B 169 7.80 27.36 -9.06
N LEU B 170 6.80 26.51 -9.17
CA LEU B 170 5.55 26.74 -9.92
C LEU B 170 4.97 28.07 -9.46
N GLU B 171 4.43 28.85 -10.37
CA GLU B 171 3.88 30.20 -10.10
C GLU B 171 2.36 30.16 -10.23
N ASP B 172 1.67 30.76 -9.25
CA ASP B 172 0.20 30.85 -9.25
C ASP B 172 -0.20 31.74 -10.42
N PRO B 173 -1.28 31.44 -11.16
CA PRO B 173 -2.10 30.26 -10.90
C PRO B 173 -1.57 28.97 -11.54
N ALA B 174 -1.74 27.82 -10.88
CA ALA B 174 -1.43 26.48 -11.44
C ALA B 174 -2.41 26.20 -12.56
N GLN B 175 -2.03 25.40 -13.58
CA GLN B 175 -3.03 24.93 -14.58
C GLN B 175 -4.01 23.98 -13.91
N TYR B 176 -3.55 23.11 -13.03
CA TYR B 176 -4.38 22.06 -12.38
C TYR B 176 -4.13 22.03 -10.88
N SER B 177 -5.11 21.58 -10.09
CA SER B 177 -4.90 21.46 -8.64
C SER B 177 -5.80 20.36 -8.05
N MET B 178 -5.33 19.71 -7.01
CA MET B 178 -6.13 18.83 -6.14
C MET B 178 -5.87 19.35 -4.71
N ILE B 179 -6.90 19.80 -4.02
CA ILE B 179 -6.72 20.49 -2.71
C ILE B 179 -7.31 19.67 -1.56
N GLY B 180 -6.80 19.89 -0.36
CA GLY B 180 -7.36 19.31 0.86
C GLY B 180 -6.94 17.86 1.02
N LEU B 181 -5.84 17.41 0.38
CA LEU B 181 -5.22 16.07 0.60
C LEU B 181 -4.71 15.95 2.04
N LYS B 182 -5.07 14.85 2.71
CA LYS B 182 -4.72 14.58 4.14
C LYS B 182 -4.17 13.16 4.21
N PRO B 183 -3.12 12.88 5.00
CA PRO B 183 -2.72 11.47 5.23
C PRO B 183 -3.60 10.71 6.24
N ARG B 184 -3.82 9.43 5.98
CA ARG B 184 -4.51 8.49 6.93
C ARG B 184 -3.44 7.60 7.59
N ARG B 185 -3.81 6.76 8.53
CA ARG B 185 -2.78 5.96 9.25
C ARG B 185 -2.02 5.02 8.30
N ALA B 186 -2.62 4.54 7.21
CA ALA B 186 -1.92 3.66 6.25
C ALA B 186 -0.79 4.46 5.61
N ASP B 187 -0.78 5.81 5.69
CA ASP B 187 0.26 6.65 5.03
C ASP B 187 1.41 6.89 6.01
N LEU B 188 1.29 6.49 7.27
CA LEU B 188 2.40 6.71 8.24
C LEU B 188 3.35 5.50 8.17
N ASP B 189 4.66 5.72 8.36
CA ASP B 189 5.65 4.62 8.66
C ASP B 189 5.53 4.21 10.12
N MET B 190 6.35 3.23 10.53
CA MET B 190 6.44 2.68 11.90
C MET B 190 6.78 3.76 12.95
N ASN B 191 7.37 4.90 12.58
CA ASN B 191 7.69 5.99 13.57
C ASN B 191 6.71 7.15 13.42
N GLN B 192 5.56 6.90 12.77
CA GLN B 192 4.39 7.81 12.73
C GLN B 192 4.70 9.09 11.93
N HIS B 193 5.64 9.00 10.99
CA HIS B 193 5.95 10.07 9.99
C HIS B 193 5.33 9.67 8.64
N VAL B 194 4.89 10.65 7.85
CA VAL B 194 4.28 10.37 6.53
C VAL B 194 5.39 9.68 5.68
N ASN B 195 5.01 8.59 5.01
CA ASN B 195 5.89 7.79 4.10
C ASN B 195 6.29 8.65 2.91
N ASN B 196 7.56 8.61 2.53
CA ASN B 196 8.09 9.35 1.35
C ASN B 196 7.24 9.06 0.11
N VAL B 197 6.73 7.84 -0.03
CA VAL B 197 5.93 7.45 -1.23
C VAL B 197 4.58 8.17 -1.34
N THR B 198 3.96 8.51 -0.21
CA THR B 198 2.67 9.30 -0.14
C THR B 198 2.82 10.59 -0.96
N TYR B 199 3.95 11.28 -0.82
CA TYR B 199 4.18 12.58 -1.50
C TYR B 199 4.16 12.35 -3.00
N ILE B 200 4.72 11.21 -3.47
CA ILE B 200 4.67 10.85 -4.91
C ILE B 200 3.20 10.77 -5.30
N GLY B 201 2.38 10.05 -4.52
CA GLY B 201 0.96 9.88 -4.84
C GLY B 201 0.24 11.23 -4.88
N TRP B 202 0.53 12.08 -3.88
CA TRP B 202 -0.08 13.44 -3.83
C TRP B 202 0.38 14.28 -5.03
N VAL B 203 1.67 14.23 -5.42
CA VAL B 203 2.10 15.00 -6.64
C VAL B 203 1.26 14.52 -7.83
N LEU B 204 1.09 13.20 -8.02
CA LEU B 204 0.42 12.70 -9.25
C LEU B 204 -1.10 12.96 -9.26
N GLU B 205 -1.74 13.26 -8.14
CA GLU B 205 -3.20 13.46 -8.01
C GLU B 205 -3.70 14.71 -8.77
N SER B 206 -2.88 15.74 -8.97
CA SER B 206 -3.26 16.92 -9.81
C SER B 206 -2.97 16.68 -11.30
N ILE B 207 -2.41 15.54 -11.73
CA ILE B 207 -2.30 15.23 -13.19
C ILE B 207 -3.71 14.88 -13.66
N PRO B 208 -4.24 15.46 -14.76
CA PRO B 208 -5.58 15.12 -15.23
C PRO B 208 -5.73 13.64 -15.66
N GLN B 209 -6.91 13.08 -15.47
CA GLN B 209 -7.20 11.63 -15.66
C GLN B 209 -6.91 11.25 -17.11
N GLU B 210 -7.35 12.10 -18.05
CA GLU B 210 -7.09 12.05 -19.51
C GLU B 210 -5.58 11.75 -19.76
N ILE B 211 -4.64 12.43 -19.11
CA ILE B 211 -3.19 12.16 -19.32
C ILE B 211 -2.92 10.74 -18.83
N VAL B 212 -3.33 10.41 -17.63
CA VAL B 212 -2.99 9.10 -16.99
C VAL B 212 -3.55 7.98 -17.86
N ASP B 213 -4.68 8.23 -18.52
CA ASP B 213 -5.39 7.26 -19.41
C ASP B 213 -4.64 7.04 -20.73
N THR B 214 -3.98 8.07 -21.28
CA THR B 214 -3.38 8.09 -22.65
C THR B 214 -1.86 7.93 -22.62
N HIS B 215 -1.21 8.29 -21.50
CA HIS B 215 0.26 8.39 -21.34
C HIS B 215 0.71 7.36 -20.31
N GLU B 216 1.98 6.96 -20.36
CA GLU B 216 2.67 6.27 -19.25
C GLU B 216 3.73 7.20 -18.66
N LEU B 217 3.87 7.22 -17.34
CA LEU B 217 4.94 7.95 -16.61
C LEU B 217 6.32 7.29 -16.87
N GLN B 218 7.25 8.06 -17.43
CA GLN B 218 8.61 7.62 -17.79
C GLN B 218 9.58 8.13 -16.73
N VAL B 219 9.50 9.40 -16.30
CA VAL B 219 10.44 10.00 -15.33
C VAL B 219 9.69 10.82 -14.26
N ILE B 220 10.13 10.74 -13.00
CA ILE B 220 9.68 11.60 -11.87
C ILE B 220 10.92 11.98 -11.08
N THR B 221 11.10 13.28 -10.84
CA THR B 221 12.10 13.87 -9.94
C THR B 221 11.33 14.69 -8.89
N LEU B 222 11.62 14.46 -7.63
CA LEU B 222 10.96 15.08 -6.46
C LEU B 222 11.99 15.55 -5.43
N ASP B 223 12.00 16.84 -5.06
CA ASP B 223 12.72 17.44 -3.91
C ASP B 223 11.79 17.41 -2.68
N TYR B 224 12.33 16.98 -1.54
CA TYR B 224 11.68 16.99 -0.21
C TYR B 224 12.23 18.22 0.55
N ARG B 225 11.39 19.24 0.76
CA ARG B 225 11.83 20.51 1.43
C ARG B 225 11.52 20.46 2.91
N ARG B 226 10.32 19.97 3.25
CA ARG B 226 9.75 19.95 4.61
C ARG B 226 8.76 18.78 4.68
N GLU B 227 8.63 18.18 5.85
N GLU B 227 8.62 18.17 5.85
N GLU B 227 8.63 18.18 5.85
CA GLU B 227 7.72 17.02 6.09
CA GLU B 227 7.73 16.98 6.05
CA GLU B 227 7.72 17.02 6.09
C GLU B 227 6.28 17.52 6.29
C GLU B 227 6.30 17.47 6.34
C GLU B 227 6.28 17.52 6.29
N CYS B 228 5.29 16.74 5.86
CA CYS B 228 3.88 16.95 6.18
C CYS B 228 3.60 16.14 7.47
N GLN B 229 3.09 16.78 8.50
CA GLN B 229 2.77 16.10 9.78
C GLN B 229 1.44 15.40 9.60
N GLN B 230 1.12 14.53 10.54
CA GLN B 230 -0.12 13.72 10.61
C GLN B 230 -1.36 14.62 10.46
N ASP B 231 -1.41 15.80 11.07
CA ASP B 231 -2.62 16.67 11.05
C ASP B 231 -2.43 17.90 10.10
N ASP B 232 -1.54 17.82 9.10
CA ASP B 232 -1.41 18.86 8.05
C ASP B 232 -2.34 18.51 6.87
N VAL B 233 -2.62 19.47 6.03
CA VAL B 233 -3.48 19.33 4.82
C VAL B 233 -2.67 19.93 3.68
N VAL B 234 -2.70 19.28 2.53
CA VAL B 234 -1.78 19.57 1.39
C VAL B 234 -2.61 19.94 0.19
N ASP B 235 -2.10 20.88 -0.57
CA ASP B 235 -2.60 21.13 -1.94
C ASP B 235 -1.50 20.72 -2.94
N SER B 236 -1.94 20.09 -4.02
CA SER B 236 -1.08 19.60 -5.12
C SER B 236 -1.37 20.44 -6.37
N LEU B 237 -0.33 21.10 -6.90
CA LEU B 237 -0.40 21.99 -8.08
C LEU B 237 0.48 21.45 -9.22
N THR B 238 -0.01 21.47 -10.43
CA THR B 238 0.64 21.01 -11.67
C THR B 238 0.37 22.06 -12.75
N THR B 239 1.38 22.41 -13.53
CA THR B 239 1.31 23.19 -14.80
C THR B 239 2.02 22.41 -15.90
N THR B 240 1.42 22.27 -17.08
CA THR B 240 2.08 21.70 -18.28
C THR B 240 3.27 22.61 -18.61
N THR B 241 4.47 22.11 -18.90
CA THR B 241 5.61 22.93 -19.40
C THR B 241 6.06 22.46 -20.79
N SER B 242 5.45 21.45 -21.38
CA SER B 242 5.79 20.95 -22.75
C SER B 242 4.84 21.54 -23.82
N ASP B 260 5.76 13.76 -26.21
CA ASP B 260 5.98 13.69 -24.74
C ASP B 260 5.21 14.83 -24.06
N SER B 261 4.70 14.61 -22.85
CA SER B 261 4.15 15.69 -21.96
C SER B 261 5.04 15.80 -20.71
N GLN B 262 5.38 17.02 -20.34
CA GLN B 262 6.15 17.37 -19.13
C GLN B 262 5.30 18.29 -18.26
N PHE B 263 5.53 18.22 -16.94
CA PHE B 263 4.80 18.96 -15.89
C PHE B 263 5.79 19.42 -14.85
N LEU B 264 5.43 20.54 -14.26
CA LEU B 264 6.07 21.07 -13.04
C LEU B 264 5.07 20.91 -11.91
N HIS B 265 5.53 20.51 -10.73
CA HIS B 265 4.70 20.11 -9.60
C HIS B 265 5.08 20.95 -8.38
N LEU B 266 4.11 21.27 -7.50
CA LEU B 266 4.36 21.87 -6.17
C LEU B 266 3.34 21.29 -5.17
N LEU B 267 3.80 20.75 -4.04
CA LEU B 267 2.96 20.45 -2.85
C LEU B 267 3.22 21.53 -1.81
N ARG B 268 2.15 22.09 -1.21
CA ARG B 268 2.26 23.11 -0.17
C ARG B 268 1.11 22.96 0.83
N LEU B 269 1.33 23.41 2.06
CA LEU B 269 0.33 23.28 3.14
C LEU B 269 -0.88 24.13 2.77
N SER B 270 -2.07 23.59 2.99
CA SER B 270 -3.36 24.10 2.47
C SER B 270 -3.61 25.55 2.91
N GLY B 271 -3.13 25.93 4.10
CA GLY B 271 -3.35 27.26 4.70
C GLY B 271 -2.32 28.29 4.28
N ASP B 272 -1.21 28.35 5.02
CA ASP B 272 -0.16 29.37 4.78
C ASP B 272 0.55 29.16 3.42
N GLY B 273 0.40 28.02 2.73
CA GLY B 273 1.11 27.78 1.45
C GLY B 273 2.63 27.56 1.60
N GLN B 274 3.11 27.20 2.80
CA GLN B 274 4.47 26.61 3.03
C GLN B 274 4.77 25.40 2.11
N GLU B 275 5.86 25.48 1.35
CA GLU B 275 6.25 24.50 0.31
C GLU B 275 6.72 23.22 1.00
N ILE B 276 6.19 22.06 0.62
CA ILE B 276 6.79 20.81 1.16
C ILE B 276 7.58 20.06 0.08
N ASN B 277 7.15 20.11 -1.17
CA ASN B 277 7.86 19.38 -2.26
C ASN B 277 7.74 20.19 -3.54
N ARG B 278 8.71 20.04 -4.42
CA ARG B 278 8.54 20.41 -5.85
C ARG B 278 9.07 19.27 -6.73
N GLY B 279 8.65 19.23 -7.99
CA GLY B 279 8.96 18.07 -8.85
C GLY B 279 8.67 18.34 -10.30
N THR B 280 9.12 17.47 -11.17
CA THR B 280 8.78 17.38 -12.62
C THR B 280 8.44 15.92 -12.94
N THR B 281 7.53 15.71 -13.87
CA THR B 281 7.27 14.37 -14.45
C THR B 281 7.35 14.52 -15.97
N LEU B 282 7.65 13.42 -16.66
CA LEU B 282 7.68 13.29 -18.14
C LEU B 282 6.87 12.05 -18.48
N TRP B 283 5.93 12.18 -19.43
CA TRP B 283 5.02 11.11 -19.83
C TRP B 283 5.17 10.85 -21.33
N ARG B 284 5.13 9.57 -21.72
CA ARG B 284 5.17 9.10 -23.12
C ARG B 284 3.75 8.65 -23.45
N LYS B 285 3.24 8.99 -24.63
CA LYS B 285 2.01 8.42 -25.24
C LYS B 285 2.10 6.89 -25.25
N LYS B 286 1.03 6.22 -24.83
CA LYS B 286 0.94 4.74 -24.66
C LYS B 286 1.10 4.00 -26.00
C1 PK4 C . -15.32 -16.02 -4.82
C11 PK4 C . -11.04 -20.27 -6.58
C12 PK4 C . -13.34 -19.27 -6.55
C10 PK4 C . -12.52 -20.36 -6.36
C6 PK4 C . -14.72 -19.34 -6.32
C7 PK4 C . -15.27 -20.55 -5.92
C8 PK4 C . -14.45 -21.65 -5.73
C9 PK4 C . -13.09 -21.55 -5.95
F13 PK4 C . -12.80 -18.10 -6.95
N2 PK4 C . -16.03 -17.26 -5.13
O4 PK4 C . -15.10 -16.99 -7.37
O5 PK4 C . -17.05 -18.46 -7.01
S3 PK4 C . -15.80 -17.95 -6.56
C1 PK4 D . 21.45 4.62 3.41
C11 PK4 D . 23.52 -0.49 3.72
C12 PK4 D . 23.77 1.98 4.11
C10 PK4 D . 24.27 0.80 3.59
C6 PK4 D . 24.45 3.18 3.99
C7 PK4 D . 25.68 3.20 3.34
C8 PK4 D . 26.19 2.03 2.81
C9 PK4 D . 25.49 0.84 2.94
F13 PK4 D . 22.59 1.95 4.75
N2 PK4 D . 22.73 5.30 3.61
O4 PK4 D . 23.11 4.40 5.85
O5 PK4 D . 24.90 5.64 4.70
S3 PK4 D . 23.81 4.71 4.65
#